data_5IIG
#
_entry.id   5IIG
#
_cell.length_a   145.390
_cell.length_b   145.390
_cell.length_c   71.893
_cell.angle_alpha   90.00
_cell.angle_beta   90.00
_cell.angle_gamma   90.00
#
_symmetry.space_group_name_H-M   'P 43 2 2'
#
loop_
_entity.id
_entity.type
_entity.pdbx_description
1 polymer 'Vacuolar transporter chaperone 4'
2 non-polymer 'SULFATE ION'
#
_entity_poly.entity_id   1
_entity_poly.type   'polypeptide(L)'
_entity_poly.pdbx_seq_one_letter_code
;GAMGKFGEHLSKSLIRQYSYYYISYDDLKTELEDNLSKNNGQWTQELETDFLESLEIELDKVYTFCKVKHSEVFRRVKEV
QEQVQHTVRLLDSNNPPTQLDFEILEEELSDIIADVHDLAKFSRLNYTGFQKIIKKHDKKTGFILKPVFQVRLDSKPFFK
ENYDELVVKISQLYDIARTSGRPIKGDSSAGGKQQNFVRQTTKYWVHPDNITELKLIILKHLPVLVFNTNKEFEREDSAI
TSIYFDNENLDLYYGRLRKDEGAEAHRLRWYGGMSTDTIFVERKTHREDWTGEKSVKARFALKERHVNDFLKGKYTVDQV
FAKMRKEGKKPMNEIENLEALASEIQYVMLKKKLRPVVRSFYNRTAFQLPGDARVRISLDTELTMVREDNFDGVDRTHKN
WRRTDIGVDWPFKQLDDKDICRFPYAVLNVKLQTQLGQEPPEWVRELVGSHLVEPVPKFSKFIHGVATLLNDKVDSIPFW
LPQGS
;
_entity_poly.pdbx_strand_id   A
#
# COMPACT_ATOMS: atom_id res chain seq x y z
N GLY A 4 9.87 12.02 46.96
CA GLY A 4 9.09 10.96 47.59
C GLY A 4 9.62 9.58 47.30
N LYS A 5 9.61 8.67 48.34
CA LYS A 5 10.07 7.26 48.25
C LYS A 5 9.11 6.45 47.32
N PHE A 6 7.76 6.56 47.57
CA PHE A 6 6.69 5.89 46.77
C PHE A 6 6.62 6.47 45.35
N GLY A 7 6.93 7.78 45.21
CA GLY A 7 6.93 8.50 43.94
C GLY A 7 8.08 8.07 43.04
N GLU A 8 9.30 7.81 43.65
CA GLU A 8 10.52 7.35 42.94
C GLU A 8 10.47 5.84 42.63
N HIS A 9 9.79 5.02 43.54
CA HIS A 9 9.64 3.55 43.39
C HIS A 9 8.78 3.22 42.15
N LEU A 10 7.61 3.95 41.99
CA LEU A 10 6.69 3.79 40.83
C LEU A 10 7.35 4.39 39.55
N SER A 11 8.25 5.43 39.73
CA SER A 11 8.97 6.10 38.63
C SER A 11 9.94 5.14 37.94
N LYS A 12 10.65 4.24 38.74
CA LYS A 12 11.63 3.26 38.19
C LYS A 12 10.98 2.15 37.29
N SER A 13 9.60 2.00 37.33
CA SER A 13 8.87 1.03 36.48
C SER A 13 8.50 1.72 35.06
N LEU A 14 9.43 2.58 34.55
CA LEU A 14 9.31 3.32 33.27
C LEU A 14 9.84 2.47 32.08
N ILE A 15 9.67 3.00 30.82
CA ILE A 15 10.17 2.34 29.60
C ILE A 15 11.71 2.61 29.57
N ARG A 16 12.52 1.61 30.04
CA ARG A 16 14.02 1.67 30.15
C ARG A 16 14.74 2.05 28.82
N GLN A 17 14.04 1.87 27.64
CA GLN A 17 14.58 2.20 26.30
C GLN A 17 14.74 3.74 26.15
N TYR A 18 13.86 4.55 26.85
CA TYR A 18 13.87 6.04 26.80
C TYR A 18 14.10 6.69 28.24
N SER A 19 14.84 5.95 29.15
CA SER A 19 15.15 6.35 30.56
C SER A 19 15.73 7.79 30.73
N TYR A 20 16.55 8.27 29.74
CA TYR A 20 17.18 9.61 29.75
C TYR A 20 16.16 10.75 29.64
N TYR A 21 15.22 10.65 28.65
CA TYR A 21 14.21 11.67 28.34
C TYR A 21 13.13 11.85 29.45
N TYR A 22 13.03 10.88 30.43
CA TYR A 22 12.10 10.97 31.58
C TYR A 22 12.57 12.08 32.56
N ILE A 23 11.65 12.55 33.47
CA ILE A 23 11.97 13.58 34.48
C ILE A 23 13.04 13.07 35.48
N SER A 24 14.12 13.89 35.69
CA SER A 24 15.21 13.57 36.62
C SER A 24 14.72 13.82 38.10
N TYR A 25 13.72 12.98 38.56
CA TYR A 25 13.09 13.06 39.89
C TYR A 25 14.12 12.95 41.01
N ASP A 26 15.05 11.93 40.92
CA ASP A 26 16.12 11.69 41.92
C ASP A 26 17.10 12.88 41.98
N ASP A 27 17.50 13.44 40.77
CA ASP A 27 18.44 14.61 40.67
C ASP A 27 17.80 15.88 41.24
N LEU A 28 16.46 16.11 40.96
CA LEU A 28 15.72 17.29 41.46
C LEU A 28 15.44 17.15 42.99
N LYS A 29 15.26 15.86 43.49
CA LYS A 29 15.02 15.54 44.93
C LYS A 29 16.28 15.85 45.75
N THR A 30 17.49 15.43 45.21
CA THR A 30 18.80 15.68 45.85
C THR A 30 19.15 17.16 45.84
N GLU A 31 18.80 17.89 44.70
CA GLU A 31 19.05 19.36 44.54
C GLU A 31 18.37 20.16 45.66
N LEU A 32 17.13 19.73 46.08
CA LEU A 32 16.35 20.38 47.16
C LEU A 32 17.02 20.12 48.53
N GLU A 33 17.27 18.80 48.86
CA GLU A 33 17.87 18.34 50.14
C GLU A 33 19.30 18.87 50.38
N ASP A 34 20.19 18.86 49.31
CA ASP A 34 21.60 19.36 49.41
C ASP A 34 21.65 20.88 49.62
N ASN A 35 20.73 21.64 48.94
CA ASN A 35 20.65 23.11 49.10
C ASN A 35 20.00 23.47 50.46
N LEU A 36 19.13 22.54 51.04
CA LEU A 36 18.51 22.72 52.36
C LEU A 36 19.52 22.38 53.47
N SER A 37 20.53 21.44 53.17
CA SER A 37 21.62 21.04 54.09
C SER A 37 22.49 22.29 54.37
N LYS A 38 22.77 23.10 53.28
CA LYS A 38 23.50 24.38 53.37
C LYS A 38 22.45 25.49 53.73
N ASN A 39 22.93 26.74 54.10
CA ASN A 39 22.06 27.91 54.51
C ASN A 39 21.19 27.61 55.82
N ASN A 40 21.43 26.40 56.49
CA ASN A 40 20.79 25.91 57.73
C ASN A 40 19.20 25.84 57.63
N GLY A 41 18.71 24.90 56.77
CA GLY A 41 17.28 24.63 56.53
C GLY A 41 16.43 25.81 56.07
N GLN A 42 17.07 26.83 55.41
CA GLN A 42 16.37 28.03 54.92
C GLN A 42 16.53 28.17 53.40
N TRP A 43 15.38 28.28 52.67
CA TRP A 43 15.34 28.44 51.21
C TRP A 43 15.15 29.93 50.88
N THR A 44 15.93 30.43 49.88
CA THR A 44 15.89 31.86 49.46
C THR A 44 15.39 32.01 47.96
N GLN A 45 15.16 33.31 47.51
CA GLN A 45 14.72 33.66 46.14
C GLN A 45 15.76 33.24 45.09
N GLU A 46 17.09 33.38 45.44
CA GLU A 46 18.23 32.99 44.57
C GLU A 46 18.26 31.44 44.41
N LEU A 47 17.91 30.70 45.50
CA LEU A 47 17.84 29.23 45.52
C LEU A 47 16.61 28.74 44.70
N GLU A 48 15.51 29.58 44.67
CA GLU A 48 14.26 29.29 43.93
C GLU A 48 14.48 29.38 42.41
N THR A 49 15.26 30.44 41.92
CA THR A 49 15.59 30.64 40.48
C THR A 49 16.36 29.43 39.93
N ASP A 50 17.40 28.94 40.71
CA ASP A 50 18.25 27.78 40.36
C ASP A 50 17.43 26.49 40.20
N PHE A 51 16.39 26.27 41.10
CA PHE A 51 15.51 25.09 41.04
C PHE A 51 14.53 25.19 39.86
N LEU A 52 13.95 26.43 39.62
CA LEU A 52 13.01 26.69 38.49
C LEU A 52 13.72 26.57 37.13
N GLU A 53 15.08 26.93 37.08
CA GLU A 53 15.91 26.81 35.86
C GLU A 53 16.12 25.35 35.50
N SER A 54 16.32 24.47 36.57
CA SER A 54 16.51 23.02 36.43
C SER A 54 15.23 22.35 35.91
N LEU A 55 14.02 22.85 36.38
CA LEU A 55 12.68 22.36 35.95
C LEU A 55 12.45 22.69 34.48
N GLU A 56 12.92 23.91 34.03
CA GLU A 56 12.78 24.39 32.65
C GLU A 56 13.59 23.51 31.67
N ILE A 57 14.82 23.05 32.09
CA ILE A 57 15.70 22.16 31.29
C ILE A 57 14.98 20.78 31.15
N GLU A 58 14.34 20.30 32.28
CA GLU A 58 13.59 19.02 32.32
C GLU A 58 12.35 19.08 31.44
N LEU A 59 11.54 20.22 31.53
CA LEU A 59 10.32 20.44 30.72
C LEU A 59 10.62 20.44 29.24
N ASP A 60 11.70 21.22 28.80
CA ASP A 60 12.15 21.31 27.40
C ASP A 60 12.55 19.94 26.85
N LYS A 61 13.23 19.10 27.71
CA LYS A 61 13.68 17.73 27.37
C LYS A 61 12.45 16.80 27.11
N VAL A 62 11.43 16.83 28.04
CA VAL A 62 10.20 16.01 27.94
C VAL A 62 9.30 16.48 26.74
N TYR A 63 9.10 17.85 26.59
CA TYR A 63 8.27 18.43 25.48
C TYR A 63 8.82 18.12 24.09
N THR A 64 10.20 18.27 23.88
CA THR A 64 10.85 18.00 22.56
C THR A 64 10.76 16.52 22.19
N PHE A 65 10.95 15.59 23.19
CA PHE A 65 10.86 14.12 22.97
C PHE A 65 9.44 13.73 22.54
N CYS A 66 8.39 14.32 23.23
CA CYS A 66 6.97 14.08 22.93
C CYS A 66 6.64 14.58 21.51
N LYS A 67 7.27 15.76 21.12
CA LYS A 67 7.09 16.39 19.80
C LYS A 67 7.75 15.52 18.68
N VAL A 68 8.99 14.97 18.97
CA VAL A 68 9.76 14.10 18.03
C VAL A 68 9.01 12.76 17.79
N LYS A 69 8.58 12.06 18.89
CA LYS A 69 7.86 10.77 18.82
C LYS A 69 6.45 10.93 18.19
N HIS A 70 5.83 12.18 18.28
CA HIS A 70 4.51 12.52 17.69
C HIS A 70 4.65 12.46 16.16
N SER A 71 5.77 13.05 15.61
CA SER A 71 6.08 13.09 14.18
C SER A 71 6.38 11.69 13.63
N GLU A 72 7.00 10.79 14.49
CA GLU A 72 7.35 9.41 14.13
C GLU A 72 6.11 8.52 13.91
N VAL A 73 5.13 8.53 14.91
CA VAL A 73 3.87 7.73 14.83
C VAL A 73 2.95 8.22 13.69
N PHE A 74 2.89 9.58 13.45
CA PHE A 74 2.09 10.19 12.38
C PHE A 74 2.65 9.84 10.98
N ARG A 75 4.01 9.63 10.89
CA ARG A 75 4.71 9.25 9.65
C ARG A 75 4.46 7.75 9.38
N ARG A 76 4.55 6.88 10.47
CA ARG A 76 4.34 5.41 10.41
C ARG A 76 2.92 5.07 9.92
N VAL A 77 1.88 5.87 10.39
CA VAL A 77 0.46 5.68 9.99
C VAL A 77 0.30 6.10 8.49
N LYS A 78 0.87 7.31 8.11
CA LYS A 78 0.83 7.86 6.71
C LYS A 78 1.43 6.85 5.69
N GLU A 79 2.52 6.13 6.10
CA GLU A 79 3.20 5.12 5.27
C GLU A 79 2.35 3.84 5.10
N VAL A 80 1.78 3.28 6.25
CA VAL A 80 0.92 2.06 6.22
C VAL A 80 -0.44 2.32 5.53
N GLN A 81 -0.92 3.64 5.55
CA GLN A 81 -2.18 4.07 4.90
C GLN A 81 -2.00 3.93 3.37
N GLU A 82 -0.76 4.27 2.87
CA GLU A 82 -0.39 4.14 1.45
C GLU A 82 -0.23 2.65 1.10
N GLN A 83 0.34 1.83 2.08
CA GLN A 83 0.56 0.38 1.93
C GLN A 83 -0.76 -0.40 1.83
N VAL A 84 -1.79 -0.05 2.71
CA VAL A 84 -3.12 -0.72 2.70
C VAL A 84 -3.90 -0.33 1.41
N GLN A 85 -3.76 0.98 0.94
CA GLN A 85 -4.41 1.49 -0.30
C GLN A 85 -3.89 0.73 -1.53
N HIS A 86 -2.56 0.30 -1.52
CA HIS A 86 -1.94 -0.48 -2.61
C HIS A 86 -2.51 -1.91 -2.61
N THR A 87 -2.53 -2.60 -1.39
CA THR A 87 -3.04 -4.00 -1.23
C THR A 87 -4.55 -4.11 -1.58
N VAL A 88 -5.39 -3.07 -1.19
CA VAL A 88 -6.86 -3.04 -1.51
C VAL A 88 -7.03 -2.95 -3.06
N ARG A 89 -6.19 -2.08 -3.73
CA ARG A 89 -6.19 -1.92 -5.20
C ARG A 89 -5.73 -3.24 -5.91
N LEU A 90 -4.93 -4.10 -5.19
CA LEU A 90 -4.42 -5.39 -5.70
C LEU A 90 -5.44 -6.57 -5.55
N LEU A 91 -6.54 -6.37 -4.73
CA LEU A 91 -7.60 -7.40 -4.50
C LEU A 91 -8.41 -7.70 -5.78
N ASP A 92 -8.56 -6.68 -6.70
CA ASP A 92 -9.32 -6.82 -7.97
C ASP A 92 -8.53 -7.54 -9.09
N SER A 93 -7.14 -7.45 -9.05
CA SER A 93 -6.25 -8.07 -10.04
C SER A 93 -6.28 -9.64 -10.00
N ASN A 94 -5.70 -10.30 -11.09
CA ASN A 94 -5.63 -11.78 -11.24
C ASN A 94 -4.91 -12.48 -10.06
N ASN A 95 -3.92 -11.77 -9.42
CA ASN A 95 -3.17 -12.25 -8.27
C ASN A 95 -3.51 -11.40 -7.00
N PRO A 96 -4.66 -11.71 -6.25
CA PRO A 96 -4.99 -10.92 -5.04
C PRO A 96 -3.99 -11.19 -3.88
N PRO A 97 -3.80 -10.20 -2.87
CA PRO A 97 -2.84 -10.46 -1.76
C PRO A 97 -3.25 -11.63 -0.87
N THR A 98 -2.24 -12.49 -0.51
CA THR A 98 -2.42 -13.69 0.34
C THR A 98 -2.75 -13.31 1.81
N GLN A 99 -3.20 -14.34 2.64
CA GLN A 99 -3.55 -14.17 4.08
C GLN A 99 -2.32 -13.64 4.88
N LEU A 100 -1.06 -14.06 4.46
CA LEU A 100 0.21 -13.64 5.07
C LEU A 100 0.46 -12.12 4.88
N ASP A 101 0.09 -11.56 3.65
CA ASP A 101 0.24 -10.11 3.32
C ASP A 101 -0.57 -9.21 4.28
N PHE A 102 -1.78 -9.68 4.73
CA PHE A 102 -2.64 -8.96 5.68
C PHE A 102 -2.12 -9.15 7.12
N GLU A 103 -1.45 -10.33 7.41
CA GLU A 103 -0.86 -10.65 8.74
C GLU A 103 0.32 -9.70 9.03
N ILE A 104 1.15 -9.35 7.95
CA ILE A 104 2.31 -8.42 8.05
C ILE A 104 1.78 -6.99 8.38
N LEU A 105 0.67 -6.54 7.67
CA LEU A 105 0.02 -5.22 7.90
C LEU A 105 -0.55 -5.14 9.33
N GLU A 106 -1.15 -6.29 9.82
CA GLU A 106 -1.71 -6.41 11.19
C GLU A 106 -0.57 -6.29 12.23
N GLU A 107 0.62 -6.99 11.98
CA GLU A 107 1.82 -6.95 12.86
C GLU A 107 2.40 -5.54 12.93
N GLU A 108 2.41 -4.79 11.78
CA GLU A 108 2.91 -3.42 11.69
C GLU A 108 1.97 -2.45 12.41
N LEU A 109 0.59 -2.62 12.22
CA LEU A 109 -0.43 -1.77 12.87
C LEU A 109 -0.40 -1.95 14.40
N SER A 110 -0.23 -3.25 14.88
CA SER A 110 -0.13 -3.59 16.33
C SER A 110 1.15 -2.99 16.94
N ASP A 111 2.26 -2.90 16.12
CA ASP A 111 3.55 -2.30 16.53
C ASP A 111 3.38 -0.78 16.74
N ILE A 112 2.55 -0.11 15.84
CA ILE A 112 2.23 1.34 15.93
C ILE A 112 1.33 1.58 17.16
N ILE A 113 0.31 0.64 17.42
CA ILE A 113 -0.61 0.69 18.60
C ILE A 113 0.23 0.71 19.90
N ALA A 114 1.32 -0.15 19.96
CA ALA A 114 2.25 -0.24 21.09
C ALA A 114 3.05 1.08 21.24
N ASP A 115 3.47 1.73 20.07
CA ASP A 115 4.23 3.00 20.05
C ASP A 115 3.38 4.16 20.61
N VAL A 116 2.05 4.22 20.21
CA VAL A 116 1.09 5.26 20.69
C VAL A 116 0.82 5.01 22.23
N HIS A 117 0.73 3.68 22.63
CA HIS A 117 0.51 3.25 24.03
C HIS A 117 1.69 3.71 24.91
N ASP A 118 2.99 3.43 24.45
CA ASP A 118 4.23 3.81 25.17
C ASP A 118 4.34 5.34 25.32
N LEU A 119 3.90 6.10 24.27
CA LEU A 119 3.91 7.56 24.25
C LEU A 119 2.87 8.14 25.24
N ALA A 120 1.70 7.41 25.42
CA ALA A 120 0.64 7.81 26.37
C ALA A 120 1.13 7.53 27.82
N LYS A 121 1.88 6.38 28.02
CA LYS A 121 2.45 5.97 29.33
C LYS A 121 3.56 6.95 29.75
N PHE A 122 4.40 7.44 28.76
CA PHE A 122 5.50 8.39 28.98
C PHE A 122 4.98 9.74 29.51
N SER A 123 3.90 10.28 28.86
CA SER A 123 3.28 11.56 29.21
C SER A 123 2.62 11.55 30.59
N ARG A 124 1.81 10.47 30.91
CA ARG A 124 1.10 10.36 32.21
C ARG A 124 2.06 10.18 33.41
N LEU A 125 3.23 9.47 33.20
CA LEU A 125 4.22 9.24 34.27
C LEU A 125 5.02 10.53 34.54
N ASN A 126 5.41 11.27 33.44
CA ASN A 126 6.16 12.55 33.55
C ASN A 126 5.32 13.64 34.19
N TYR A 127 3.96 13.69 33.84
CA TYR A 127 2.98 14.67 34.41
C TYR A 127 2.90 14.45 35.93
N THR A 128 2.72 13.13 36.36
CA THR A 128 2.66 12.72 37.77
C THR A 128 3.99 13.07 38.48
N GLY A 129 5.13 12.82 37.76
CA GLY A 129 6.49 13.10 38.24
C GLY A 129 6.70 14.57 38.57
N PHE A 130 6.16 15.49 37.68
CA PHE A 130 6.25 16.95 37.88
C PHE A 130 5.36 17.40 39.04
N GLN A 131 4.13 16.81 39.16
CA GLN A 131 3.18 17.13 40.25
C GLN A 131 3.71 16.64 41.62
N LYS A 132 4.41 15.46 41.65
CA LYS A 132 4.99 14.87 42.88
C LYS A 132 6.23 15.62 43.39
N ILE A 133 7.14 16.09 42.43
CA ILE A 133 8.37 16.85 42.82
C ILE A 133 7.98 18.27 43.37
N ILE A 134 6.87 18.88 42.83
CA ILE A 134 6.35 20.19 43.29
C ILE A 134 5.66 20.00 44.69
N LYS A 135 4.97 18.82 44.90
CA LYS A 135 4.31 18.43 46.17
C LYS A 135 5.40 18.33 47.27
N LYS A 136 6.59 17.72 46.91
CA LYS A 136 7.75 17.59 47.81
C LYS A 136 8.43 18.94 48.02
N HIS A 137 8.43 19.84 46.96
CA HIS A 137 9.01 21.21 47.03
C HIS A 137 8.21 22.07 48.04
N ASP A 138 6.84 22.04 47.94
CA ASP A 138 5.95 22.80 48.84
C ASP A 138 5.95 22.26 50.30
N LYS A 139 6.42 20.97 50.50
CA LYS A 139 6.51 20.32 51.82
C LYS A 139 7.89 20.58 52.50
N LYS A 140 9.01 20.33 51.73
CA LYS A 140 10.40 20.52 52.24
C LYS A 140 10.84 22.02 52.25
N THR A 141 10.17 22.88 51.42
CA THR A 141 10.45 24.33 51.30
C THR A 141 9.12 25.14 51.49
N GLY A 142 9.24 26.30 52.17
CA GLY A 142 8.11 27.21 52.47
C GLY A 142 7.41 27.78 51.23
N PHE A 143 8.20 27.98 50.10
CA PHE A 143 7.68 28.52 48.81
C PHE A 143 6.68 27.54 48.17
N ILE A 144 5.52 28.08 47.68
CA ILE A 144 4.45 27.28 47.04
C ILE A 144 4.49 27.41 45.50
N LEU A 145 4.55 26.24 44.79
CA LEU A 145 4.58 26.17 43.31
C LEU A 145 3.40 25.34 42.73
N LYS A 146 2.49 24.76 43.62
CA LYS A 146 1.32 23.94 43.20
C LYS A 146 0.41 24.68 42.13
N PRO A 147 -0.08 26.01 42.34
CA PRO A 147 -0.92 26.67 41.31
C PRO A 147 -0.16 27.00 40.01
N VAL A 148 1.19 27.20 40.13
CA VAL A 148 2.08 27.54 39.01
C VAL A 148 2.17 26.42 37.94
N PHE A 149 2.53 25.16 38.38
CA PHE A 149 2.72 24.02 37.48
C PHE A 149 1.43 23.26 37.14
N GLN A 150 0.34 23.33 38.00
CA GLN A 150 -0.92 22.62 37.66
C GLN A 150 -1.68 23.34 36.50
N VAL A 151 -1.52 24.71 36.41
CA VAL A 151 -2.13 25.55 35.35
C VAL A 151 -1.28 25.43 34.04
N ARG A 152 0.09 25.55 34.17
CA ARG A 152 1.04 25.46 33.03
C ARG A 152 1.06 24.07 32.32
N LEU A 153 0.68 22.97 33.05
CA LEU A 153 0.68 21.61 32.47
C LEU A 153 -0.69 21.13 31.99
N ASP A 154 -1.85 21.64 32.62
CA ASP A 154 -3.23 21.28 32.18
C ASP A 154 -3.45 21.83 30.76
N SER A 155 -3.02 23.11 30.54
CA SER A 155 -3.04 23.80 29.24
C SER A 155 -1.69 23.47 28.60
N LYS A 156 -1.68 23.08 27.28
CA LYS A 156 -0.43 22.65 26.54
C LYS A 156 0.18 21.33 27.29
N PRO A 157 -0.50 20.11 27.15
CA PRO A 157 0.03 18.91 27.83
C PRO A 157 1.12 18.19 27.00
N PHE A 158 1.80 17.16 27.62
CA PHE A 158 2.85 16.37 26.95
C PHE A 158 2.25 15.54 25.81
N PHE A 159 1.06 14.90 26.06
CA PHE A 159 0.33 14.10 25.07
C PHE A 159 -0.70 15.01 24.40
N LYS A 160 -0.51 15.26 23.08
CA LYS A 160 -1.38 16.14 22.25
C LYS A 160 -2.84 15.63 22.13
N GLU A 161 -3.75 16.52 21.67
CA GLU A 161 -5.18 16.20 21.45
C GLU A 161 -5.36 15.52 20.07
N ASN A 162 -4.31 15.66 19.16
CA ASN A 162 -4.27 15.10 17.78
C ASN A 162 -4.34 13.54 17.71
N TYR A 163 -4.06 12.83 18.84
CA TYR A 163 -4.06 11.35 18.91
C TYR A 163 -5.47 10.72 18.77
N ASP A 164 -6.59 11.47 19.18
CA ASP A 164 -7.97 10.94 19.03
C ASP A 164 -8.34 10.75 17.53
N GLU A 165 -7.82 11.68 16.63
CA GLU A 165 -8.01 11.63 15.16
C GLU A 165 -7.22 10.41 14.61
N LEU A 166 -5.96 10.19 15.16
CA LEU A 166 -5.04 9.10 14.79
C LEU A 166 -5.62 7.71 15.20
N VAL A 167 -6.28 7.60 16.43
CA VAL A 167 -6.93 6.35 16.97
C VAL A 167 -8.03 5.85 15.97
N VAL A 168 -8.89 6.79 15.45
CA VAL A 168 -9.98 6.51 14.48
C VAL A 168 -9.36 5.96 13.16
N LYS A 169 -8.25 6.63 12.65
CA LYS A 169 -7.57 6.19 11.42
C LYS A 169 -6.89 4.83 11.59
N ILE A 170 -6.17 4.60 12.76
CA ILE A 170 -5.50 3.31 13.10
C ILE A 170 -6.56 2.15 13.07
N SER A 171 -7.77 2.39 13.69
CA SER A 171 -8.88 1.44 13.76
C SER A 171 -9.42 1.12 12.37
N GLN A 172 -9.53 2.18 11.47
CA GLN A 172 -10.02 2.03 10.08
C GLN A 172 -9.13 1.10 9.26
N LEU A 173 -7.76 1.27 9.37
CA LEU A 173 -6.77 0.43 8.66
C LEU A 173 -6.72 -0.99 9.26
N TYR A 174 -6.87 -1.11 10.64
CA TYR A 174 -6.86 -2.41 11.36
C TYR A 174 -8.08 -3.26 10.97
N ASP A 175 -9.29 -2.59 10.79
CA ASP A 175 -10.55 -3.25 10.39
C ASP A 175 -10.42 -3.84 8.99
N ILE A 176 -9.65 -3.14 8.06
CA ILE A 176 -9.40 -3.61 6.67
C ILE A 176 -8.61 -4.94 6.73
N ALA A 177 -7.55 -5.01 7.58
CA ALA A 177 -6.72 -6.22 7.79
C ALA A 177 -7.53 -7.36 8.47
N ARG A 178 -8.54 -6.99 9.35
CA ARG A 178 -9.41 -7.94 10.07
C ARG A 178 -10.47 -8.56 9.11
N THR A 179 -11.25 -7.69 8.40
CA THR A 179 -12.33 -8.09 7.47
C THR A 179 -11.81 -8.89 6.26
N SER A 180 -10.69 -8.40 5.59
CA SER A 180 -10.08 -9.05 4.40
C SER A 180 -9.47 -10.44 4.73
N GLY A 181 -8.99 -10.61 5.98
CA GLY A 181 -8.40 -11.86 6.47
C GLY A 181 -9.46 -12.89 6.80
N ARG A 182 -9.28 -14.18 6.28
CA ARG A 182 -10.17 -15.37 6.46
C ARG A 182 -11.69 -15.04 6.25
N GLN A 195 -9.93 -25.19 2.36
CA GLN A 195 -8.58 -25.59 1.99
C GLN A 195 -8.51 -26.12 0.53
N ASN A 196 -9.42 -27.11 0.17
CA ASN A 196 -9.49 -27.70 -1.19
C ASN A 196 -10.76 -27.22 -1.95
N PHE A 197 -10.54 -26.41 -3.02
CA PHE A 197 -11.63 -25.83 -3.85
C PHE A 197 -11.20 -25.62 -5.32
N VAL A 198 -12.21 -25.65 -6.26
CA VAL A 198 -11.99 -25.46 -7.70
C VAL A 198 -12.04 -23.93 -8.09
N ARG A 199 -10.99 -23.46 -8.86
CA ARG A 199 -10.87 -22.06 -9.32
C ARG A 199 -11.28 -21.95 -10.79
N GLN A 200 -12.24 -21.01 -11.11
CA GLN A 200 -12.75 -20.80 -12.48
C GLN A 200 -12.76 -19.30 -12.86
N THR A 201 -11.82 -18.88 -13.76
CA THR A 201 -11.72 -17.49 -14.24
C THR A 201 -12.27 -17.39 -15.68
N THR A 202 -13.31 -16.54 -15.88
CA THR A 202 -13.98 -16.33 -17.19
C THR A 202 -14.13 -14.85 -17.53
N LYS A 203 -13.88 -14.48 -18.82
CA LYS A 203 -13.98 -13.09 -19.32
C LYS A 203 -15.20 -12.93 -20.24
N TYR A 204 -15.88 -11.74 -20.17
CA TYR A 204 -17.10 -11.45 -20.95
C TYR A 204 -17.08 -10.05 -21.58
N TRP A 205 -17.71 -9.92 -22.81
CA TRP A 205 -17.83 -8.63 -23.52
C TRP A 205 -19.21 -8.03 -23.22
N VAL A 206 -19.22 -6.81 -22.68
CA VAL A 206 -20.46 -6.09 -22.28
C VAL A 206 -20.66 -4.85 -23.16
N HIS A 207 -21.87 -4.70 -23.74
CA HIS A 207 -22.22 -3.55 -24.60
C HIS A 207 -22.32 -2.25 -23.72
N PRO A 208 -21.83 -1.03 -24.23
CA PRO A 208 -21.90 0.22 -23.40
C PRO A 208 -23.30 0.57 -22.82
N ASP A 209 -24.40 0.11 -23.51
CA ASP A 209 -25.79 0.33 -23.06
C ASP A 209 -26.09 -0.49 -21.78
N ASN A 210 -25.44 -1.70 -21.65
CA ASN A 210 -25.62 -2.64 -20.51
C ASN A 210 -24.72 -2.36 -19.26
N ILE A 211 -23.64 -1.49 -19.40
CA ILE A 211 -22.66 -1.15 -18.31
C ILE A 211 -23.38 -0.76 -16.94
N THR A 212 -24.22 0.33 -16.94
CA THR A 212 -24.93 0.80 -15.71
C THR A 212 -25.97 -0.22 -15.21
N GLU A 213 -26.65 -0.98 -16.15
CA GLU A 213 -27.64 -2.02 -15.82
C GLU A 213 -26.94 -3.19 -15.06
N LEU A 214 -25.73 -3.61 -15.56
CA LEU A 214 -24.92 -4.69 -14.98
C LEU A 214 -24.37 -4.30 -13.59
N LYS A 215 -23.86 -3.01 -13.44
CA LYS A 215 -23.31 -2.46 -12.18
C LYS A 215 -24.36 -2.51 -11.05
N LEU A 216 -25.65 -2.14 -11.36
CA LEU A 216 -26.78 -2.13 -10.40
C LEU A 216 -27.17 -3.54 -9.91
N ILE A 217 -27.02 -4.58 -10.80
CA ILE A 217 -27.35 -5.98 -10.47
C ILE A 217 -26.30 -6.58 -9.48
N ILE A 218 -24.98 -6.43 -9.81
CA ILE A 218 -23.87 -6.98 -8.98
C ILE A 218 -23.74 -6.25 -7.59
N LEU A 219 -23.98 -4.85 -7.53
CA LEU A 219 -23.85 -4.10 -6.23
C LEU A 219 -24.90 -4.57 -5.14
N LYS A 220 -26.00 -5.27 -5.58
CA LYS A 220 -27.04 -5.79 -4.68
C LYS A 220 -26.58 -7.11 -3.95
N HIS A 221 -25.44 -7.73 -4.44
CA HIS A 221 -24.86 -8.98 -3.88
C HIS A 221 -23.43 -8.75 -3.37
N LEU A 222 -22.53 -8.15 -4.24
CA LEU A 222 -21.12 -7.84 -3.90
C LEU A 222 -20.92 -6.30 -3.87
N PRO A 223 -20.41 -5.69 -2.73
CA PRO A 223 -20.24 -4.22 -2.69
C PRO A 223 -19.06 -3.71 -3.54
N VAL A 224 -19.15 -2.42 -4.02
CA VAL A 224 -18.08 -1.77 -4.81
C VAL A 224 -16.88 -1.51 -3.88
N LEU A 225 -15.69 -2.08 -4.24
CA LEU A 225 -14.47 -1.95 -3.46
C LEU A 225 -13.87 -0.53 -3.58
N VAL A 226 -13.80 0.20 -2.43
CA VAL A 226 -13.24 1.58 -2.34
C VAL A 226 -11.92 1.53 -1.53
N PHE A 227 -10.81 2.09 -2.11
CA PHE A 227 -9.48 2.08 -1.49
C PHE A 227 -9.30 3.10 -0.31
N ASN A 228 -9.23 4.44 -0.63
CA ASN A 228 -9.01 5.53 0.37
C ASN A 228 -10.16 5.72 1.36
N THR A 229 -11.45 5.82 0.84
CA THR A 229 -12.74 6.06 1.62
C THR A 229 -12.76 7.48 2.27
N ASN A 230 -11.72 7.84 3.12
CA ASN A 230 -11.59 9.17 3.80
C ASN A 230 -11.09 10.31 2.79
N LYS A 231 -11.71 10.34 1.56
CA LYS A 231 -11.42 11.29 0.46
C LYS A 231 -12.56 11.27 -0.57
N GLU A 232 -12.86 12.45 -1.21
CA GLU A 232 -13.93 12.59 -2.23
C GLU A 232 -13.60 11.78 -3.52
N PHE A 233 -14.66 11.18 -4.17
CA PHE A 233 -14.54 10.35 -5.38
C PHE A 233 -13.95 11.13 -6.58
N GLU A 234 -12.77 10.66 -7.08
CA GLU A 234 -12.03 11.26 -8.21
C GLU A 234 -12.06 10.32 -9.45
N ARG A 235 -11.97 10.91 -10.69
CA ARG A 235 -11.97 10.17 -11.97
C ARG A 235 -10.73 9.25 -12.11
N GLU A 236 -9.52 9.75 -11.66
CA GLU A 236 -8.23 9.02 -11.72
C GLU A 236 -8.17 7.78 -10.80
N ASP A 237 -8.98 7.78 -9.67
CA ASP A 237 -9.03 6.68 -8.65
C ASP A 237 -9.30 5.27 -9.25
N SER A 238 -10.36 5.16 -10.11
CA SER A 238 -10.76 3.87 -10.76
C SER A 238 -9.82 3.41 -11.90
N ALA A 239 -8.99 4.34 -12.45
CA ALA A 239 -8.06 4.07 -13.58
C ALA A 239 -6.92 3.10 -13.25
N ILE A 240 -6.62 2.18 -14.23
CA ILE A 240 -5.53 1.17 -14.18
C ILE A 240 -4.80 1.19 -15.55
N THR A 241 -3.46 1.42 -15.53
CA THR A 241 -2.65 1.47 -16.76
C THR A 241 -1.50 0.46 -16.67
N SER A 242 -1.42 -0.46 -17.67
CA SER A 242 -0.38 -1.51 -17.74
C SER A 242 0.43 -1.39 -19.03
N ILE A 243 1.80 -1.36 -18.89
CA ILE A 243 2.72 -1.27 -20.05
C ILE A 243 3.30 -2.66 -20.34
N TYR A 244 2.78 -3.33 -21.39
CA TYR A 244 3.23 -4.67 -21.79
C TYR A 244 4.52 -4.64 -22.57
N PHE A 245 5.48 -5.53 -22.20
CA PHE A 245 6.82 -5.63 -22.81
C PHE A 245 6.96 -6.82 -23.71
N ASP A 246 7.71 -6.62 -24.86
CA ASP A 246 8.02 -7.64 -25.89
C ASP A 246 9.16 -7.14 -26.84
N ASN A 247 9.78 -8.08 -27.61
CA ASN A 247 10.86 -7.74 -28.56
C ASN A 247 10.33 -7.43 -30.00
N GLU A 248 11.28 -7.10 -30.97
CA GLU A 248 10.98 -6.79 -32.38
C GLU A 248 10.28 -7.97 -33.07
N ASN A 249 10.75 -9.24 -32.79
CA ASN A 249 10.17 -10.49 -33.34
C ASN A 249 8.80 -10.83 -32.69
N LEU A 250 8.43 -10.11 -31.55
CA LEU A 250 7.17 -10.28 -30.77
C LEU A 250 7.02 -11.75 -30.21
N ASP A 251 8.18 -12.34 -29.74
CA ASP A 251 8.30 -13.71 -29.19
C ASP A 251 7.36 -14.00 -28.01
N LEU A 252 7.18 -13.00 -27.07
CA LEU A 252 6.27 -13.18 -25.90
C LEU A 252 4.82 -13.24 -26.31
N TYR A 253 4.41 -12.44 -27.38
CA TYR A 253 3.02 -12.40 -27.91
C TYR A 253 2.61 -13.77 -28.45
N TYR A 254 3.46 -14.38 -29.37
CA TYR A 254 3.20 -15.69 -29.97
C TYR A 254 3.11 -16.80 -28.92
N GLY A 255 3.98 -16.72 -27.88
CA GLY A 255 4.01 -17.66 -26.76
C GLY A 255 2.71 -17.68 -25.96
N ARG A 256 2.15 -16.47 -25.67
CA ARG A 256 0.89 -16.31 -24.92
C ARG A 256 -0.32 -16.72 -25.78
N LEU A 257 -0.26 -16.40 -27.13
CA LEU A 257 -1.32 -16.73 -28.11
C LEU A 257 -1.40 -18.27 -28.33
N ARG A 258 -0.22 -18.93 -28.57
CA ARG A 258 -0.10 -20.39 -28.81
C ARG A 258 -0.20 -21.21 -27.48
N LYS A 259 -0.14 -20.51 -26.29
CA LYS A 259 -0.21 -21.07 -24.91
C LYS A 259 0.89 -22.18 -24.67
N ASP A 260 2.17 -21.83 -25.00
CA ASP A 260 3.34 -22.70 -24.84
C ASP A 260 3.71 -22.90 -23.35
N GLU A 261 4.49 -23.99 -23.04
CA GLU A 261 4.93 -24.31 -21.67
C GLU A 261 5.97 -23.25 -21.19
N GLY A 262 5.65 -22.56 -20.08
CA GLY A 262 6.50 -21.53 -19.48
C GLY A 262 6.44 -20.19 -20.19
N ALA A 263 5.35 -19.95 -21.04
CA ALA A 263 5.15 -18.69 -21.79
C ALA A 263 4.91 -17.53 -20.83
N GLU A 264 5.83 -16.54 -20.83
CA GLU A 264 5.79 -15.38 -19.94
C GLU A 264 5.18 -14.14 -20.57
N ALA A 265 4.47 -13.33 -19.72
CA ALA A 265 3.85 -12.06 -20.09
C ALA A 265 4.35 -11.01 -19.08
N HIS A 266 5.14 -10.01 -19.57
CA HIS A 266 5.74 -8.97 -18.72
C HIS A 266 5.04 -7.64 -18.85
N ARG A 267 4.64 -7.04 -17.68
CA ARG A 267 3.95 -5.75 -17.64
C ARG A 267 4.32 -4.90 -16.41
N LEU A 268 4.30 -3.55 -16.59
CA LEU A 268 4.55 -2.58 -15.53
C LEU A 268 3.26 -1.83 -15.32
N ARG A 269 2.60 -2.09 -14.16
CA ARG A 269 1.29 -1.52 -13.82
C ARG A 269 1.35 -0.45 -12.69
N TRP A 270 0.44 0.58 -12.78
CA TRP A 270 0.27 1.63 -11.78
C TRP A 270 -1.21 1.99 -11.61
N TYR A 271 -1.63 2.19 -10.34
CA TYR A 271 -3.02 2.52 -9.98
C TYR A 271 -3.15 4.02 -9.72
N GLY A 272 -4.06 4.67 -10.47
CA GLY A 272 -4.31 6.11 -10.33
C GLY A 272 -3.67 6.95 -11.41
N GLY A 273 -3.56 8.27 -11.13
CA GLY A 273 -2.99 9.27 -12.04
C GLY A 273 -1.48 9.15 -12.26
N MET A 274 -0.88 10.20 -12.90
CA MET A 274 0.57 10.26 -13.21
C MET A 274 1.45 10.55 -11.97
N SER A 275 0.80 11.03 -10.85
CA SER A 275 1.47 11.33 -9.56
C SER A 275 1.74 10.02 -8.74
N THR A 276 1.36 8.79 -9.30
CA THR A 276 1.54 7.47 -8.67
C THR A 276 3.03 7.16 -8.48
N ASP A 277 3.42 6.92 -7.22
CA ASP A 277 4.79 6.63 -6.79
C ASP A 277 5.20 5.17 -7.06
N THR A 278 4.34 4.20 -6.64
CA THR A 278 4.60 2.75 -6.76
C THR A 278 4.25 2.18 -8.18
N ILE A 279 5.25 1.47 -8.79
CA ILE A 279 5.11 0.81 -10.10
C ILE A 279 5.29 -0.71 -9.85
N PHE A 280 4.25 -1.50 -10.17
CA PHE A 280 4.26 -2.96 -9.98
C PHE A 280 4.81 -3.70 -11.18
N VAL A 281 5.97 -4.39 -10.98
CA VAL A 281 6.63 -5.19 -12.03
C VAL A 281 5.93 -6.57 -12.01
N GLU A 282 4.88 -6.74 -12.84
CA GLU A 282 4.05 -7.97 -12.89
C GLU A 282 4.47 -8.95 -14.00
N ARG A 283 4.43 -10.29 -13.66
CA ARG A 283 4.78 -11.38 -14.59
C ARG A 283 3.74 -12.52 -14.52
N LYS A 284 3.23 -12.95 -15.72
CA LYS A 284 2.25 -14.03 -15.86
C LYS A 284 2.89 -15.20 -16.63
N THR A 285 3.03 -16.39 -15.97
CA THR A 285 3.65 -17.58 -16.60
C THR A 285 2.63 -18.70 -16.81
N HIS A 286 2.46 -19.16 -18.09
CA HIS A 286 1.53 -20.24 -18.45
C HIS A 286 2.18 -21.61 -18.18
N ARG A 287 1.52 -22.46 -17.36
CA ARG A 287 2.00 -23.80 -17.02
C ARG A 287 0.95 -24.85 -17.37
N GLU A 288 1.38 -25.94 -18.08
CA GLU A 288 0.50 -27.02 -18.51
C GLU A 288 0.79 -28.34 -17.76
N ASP A 289 -0.29 -28.99 -17.23
CA ASP A 289 -0.22 -30.27 -16.49
C ASP A 289 -1.52 -31.12 -16.71
N TRP A 290 -1.56 -32.37 -16.12
CA TRP A 290 -2.70 -33.31 -16.23
C TRP A 290 -4.02 -32.74 -15.65
N THR A 291 -3.93 -31.89 -14.57
CA THR A 291 -5.10 -31.26 -13.90
C THR A 291 -5.83 -30.23 -14.83
N GLY A 292 -5.06 -29.57 -15.74
CA GLY A 292 -5.58 -28.59 -16.68
C GLY A 292 -4.61 -27.47 -16.99
N GLU A 293 -5.16 -26.23 -17.22
CA GLU A 293 -4.36 -25.02 -17.53
C GLU A 293 -4.21 -24.14 -16.27
N LYS A 294 -2.93 -23.86 -15.87
CA LYS A 294 -2.62 -23.04 -14.68
C LYS A 294 -1.74 -21.87 -15.02
N SER A 295 -2.16 -20.65 -14.61
CA SER A 295 -1.41 -19.40 -14.84
C SER A 295 -0.77 -18.94 -13.51
N VAL A 296 0.58 -19.11 -13.41
CA VAL A 296 1.35 -18.73 -12.21
C VAL A 296 1.70 -17.23 -12.30
N LYS A 297 1.01 -16.40 -11.46
CA LYS A 297 1.20 -14.95 -11.42
C LYS A 297 2.09 -14.56 -10.25
N ALA A 298 3.09 -13.68 -10.49
CA ALA A 298 4.03 -13.20 -9.46
C ALA A 298 4.49 -11.75 -9.76
N ARG A 299 4.68 -10.91 -8.69
CA ARG A 299 5.09 -9.48 -8.84
C ARG A 299 5.87 -8.91 -7.63
N PHE A 300 6.38 -7.62 -7.78
CA PHE A 300 7.09 -6.85 -6.75
C PHE A 300 6.99 -5.33 -7.02
N ALA A 301 7.02 -4.51 -5.93
CA ALA A 301 6.93 -3.04 -6.00
C ALA A 301 8.28 -2.41 -6.38
N LEU A 302 8.25 -1.24 -7.10
CA LEU A 302 9.44 -0.50 -7.55
C LEU A 302 9.10 0.99 -7.80
N LYS A 303 9.97 1.94 -7.33
CA LYS A 303 9.77 3.40 -7.51
C LYS A 303 10.03 3.79 -8.98
N GLU A 304 9.18 4.73 -9.55
CA GLU A 304 9.25 5.23 -10.96
C GLU A 304 10.68 5.71 -11.38
N ARG A 305 11.41 6.39 -10.43
CA ARG A 305 12.79 6.91 -10.67
C ARG A 305 13.85 5.77 -10.86
N HIS A 306 13.55 4.53 -10.33
CA HIS A 306 14.46 3.36 -10.42
C HIS A 306 14.11 2.36 -11.56
N VAL A 307 12.85 2.48 -12.15
CA VAL A 307 12.34 1.58 -13.23
C VAL A 307 13.29 1.55 -14.48
N ASN A 308 13.60 2.74 -15.08
CA ASN A 308 14.48 2.90 -16.28
C ASN A 308 15.83 2.20 -16.15
N ASP A 309 16.52 2.39 -14.97
CA ASP A 309 17.84 1.79 -14.69
C ASP A 309 17.75 0.28 -14.39
N PHE A 310 16.57 -0.20 -13.82
CA PHE A 310 16.35 -1.64 -13.50
C PHE A 310 16.24 -2.48 -14.79
N LEU A 311 15.42 -2.00 -15.78
CA LEU A 311 15.21 -2.69 -17.09
C LEU A 311 16.50 -2.71 -17.93
N LYS A 312 17.36 -1.64 -17.76
CA LYS A 312 18.66 -1.48 -18.42
C LYS A 312 19.75 -2.39 -17.74
N GLY A 313 19.54 -2.69 -16.44
CA GLY A 313 20.45 -3.51 -15.64
C GLY A 313 21.30 -2.71 -14.66
N LYS A 314 21.37 -1.33 -14.88
CA LYS A 314 22.15 -0.35 -14.06
C LYS A 314 21.76 -0.42 -12.56
N TYR A 315 20.43 -0.57 -12.27
CA TYR A 315 19.90 -0.69 -10.90
C TYR A 315 19.78 -2.19 -10.56
N THR A 316 20.77 -2.71 -9.75
CA THR A 316 20.86 -4.14 -9.34
C THR A 316 19.71 -4.57 -8.39
N VAL A 317 19.52 -5.93 -8.23
CA VAL A 317 18.48 -6.55 -7.35
C VAL A 317 18.74 -6.16 -5.86
N ASP A 318 20.06 -6.13 -5.44
CA ASP A 318 20.47 -5.76 -4.06
C ASP A 318 20.16 -4.25 -3.76
N GLN A 319 20.15 -3.39 -4.84
CA GLN A 319 19.82 -1.95 -4.75
C GLN A 319 18.29 -1.76 -4.59
N VAL A 320 17.47 -2.70 -5.23
CA VAL A 320 15.97 -2.69 -5.19
C VAL A 320 15.48 -2.93 -3.73
N PHE A 321 15.98 -4.03 -3.10
CA PHE A 321 15.61 -4.44 -1.73
C PHE A 321 16.63 -3.92 -0.65
N ALA A 322 17.35 -2.77 -0.95
CA ALA A 322 18.33 -2.15 -0.03
C ALA A 322 17.63 -1.56 1.21
N LYS A 323 16.48 -0.81 1.01
CA LYS A 323 15.68 -0.21 2.08
C LYS A 323 14.77 -1.31 2.75
N MET A 324 14.36 -2.35 1.95
CA MET A 324 13.50 -3.47 2.40
C MET A 324 14.22 -4.39 3.41
N ARG A 325 15.56 -4.68 3.16
CA ARG A 325 16.39 -5.55 4.02
C ARG A 325 16.71 -4.94 5.39
N LYS A 326 17.06 -3.59 5.42
CA LYS A 326 17.40 -2.88 6.69
C LYS A 326 16.17 -2.72 7.66
N GLU A 327 14.90 -2.83 7.10
CA GLU A 327 13.64 -2.75 7.89
C GLU A 327 13.52 -4.03 8.77
N GLY A 328 13.72 -5.21 8.14
CA GLY A 328 13.70 -6.53 8.78
C GLY A 328 12.40 -6.92 9.47
N LYS A 329 11.25 -6.86 8.72
CA LYS A 329 9.93 -7.25 9.25
C LYS A 329 9.17 -8.26 8.31
N LYS A 330 9.87 -8.75 7.24
CA LYS A 330 9.36 -9.73 6.27
C LYS A 330 10.11 -11.09 6.50
N PRO A 331 9.44 -12.31 6.25
CA PRO A 331 10.16 -13.60 6.46
C PRO A 331 11.39 -13.76 5.54
N MET A 332 12.52 -14.36 6.10
CA MET A 332 13.81 -14.60 5.39
C MET A 332 13.63 -15.34 4.04
N ASN A 333 12.66 -16.31 4.00
CA ASN A 333 12.35 -17.10 2.79
C ASN A 333 11.61 -16.24 1.75
N GLU A 334 10.68 -15.32 2.22
CA GLU A 334 9.88 -14.44 1.32
C GLU A 334 10.75 -13.35 0.64
N ILE A 335 11.79 -12.76 1.39
CA ILE A 335 12.70 -11.70 0.84
C ILE A 335 13.51 -12.26 -0.36
N GLU A 336 14.15 -13.47 -0.19
CA GLU A 336 14.94 -14.14 -1.27
C GLU A 336 14.04 -14.62 -2.45
N ASN A 337 12.70 -14.90 -2.18
CA ASN A 337 11.71 -15.31 -3.21
C ASN A 337 11.45 -14.12 -4.16
N LEU A 338 11.32 -12.88 -3.58
CA LEU A 338 11.12 -11.64 -4.34
C LEU A 338 12.42 -11.25 -5.07
N GLU A 339 13.63 -11.57 -4.44
CA GLU A 339 14.96 -11.29 -5.01
C GLU A 339 15.21 -12.18 -6.24
N ALA A 340 14.83 -13.51 -6.16
CA ALA A 340 14.97 -14.48 -7.27
C ALA A 340 14.03 -14.10 -8.42
N LEU A 341 12.80 -13.57 -8.08
CA LEU A 341 11.79 -13.13 -9.06
C LEU A 341 12.29 -11.88 -9.83
N ALA A 342 12.90 -10.88 -9.09
CA ALA A 342 13.44 -9.63 -9.66
C ALA A 342 14.60 -9.92 -10.64
N SER A 343 15.52 -10.89 -10.27
CA SER A 343 16.67 -11.29 -11.11
C SER A 343 16.20 -12.03 -12.37
N GLU A 344 15.07 -12.84 -12.25
CA GLU A 344 14.47 -13.60 -13.37
C GLU A 344 13.92 -12.66 -14.44
N ILE A 345 13.12 -11.61 -14.02
CA ILE A 345 12.51 -10.61 -14.93
C ILE A 345 13.63 -9.77 -15.63
N GLN A 346 14.63 -9.24 -14.81
CA GLN A 346 15.78 -8.44 -15.30
C GLN A 346 16.61 -9.23 -16.36
N TYR A 347 16.74 -10.60 -16.17
CA TYR A 347 17.47 -11.48 -17.11
C TYR A 347 16.70 -11.60 -18.44
N VAL A 348 15.35 -11.95 -18.37
CA VAL A 348 14.45 -12.10 -19.57
C VAL A 348 14.37 -10.73 -20.36
N MET A 349 14.40 -9.58 -19.61
CA MET A 349 14.37 -8.21 -20.18
C MET A 349 15.61 -7.93 -21.09
N LEU A 350 16.82 -8.42 -20.66
CA LEU A 350 18.10 -8.22 -21.38
C LEU A 350 18.41 -9.33 -22.42
N LYS A 351 18.21 -10.65 -22.03
CA LYS A 351 18.47 -11.83 -22.90
C LYS A 351 17.57 -11.80 -24.16
N LYS A 352 16.21 -11.62 -23.95
CA LYS A 352 15.24 -11.56 -25.07
C LYS A 352 15.15 -10.13 -25.70
N LYS A 353 15.93 -9.12 -25.11
CA LYS A 353 15.98 -7.70 -25.57
C LYS A 353 14.56 -7.06 -25.69
N LEU A 354 13.79 -7.12 -24.56
CA LEU A 354 12.41 -6.61 -24.48
C LEU A 354 12.37 -5.08 -24.35
N ARG A 355 11.29 -4.46 -24.87
CA ARG A 355 11.04 -3.00 -24.84
C ARG A 355 9.48 -2.71 -24.77
N PRO A 356 9.00 -1.45 -24.33
CA PRO A 356 7.52 -1.20 -24.29
C PRO A 356 6.87 -1.38 -25.67
N VAL A 357 5.80 -2.20 -25.74
CA VAL A 357 5.11 -2.50 -27.03
C VAL A 357 3.66 -1.95 -27.04
N VAL A 358 2.80 -2.40 -26.06
CA VAL A 358 1.39 -1.96 -25.99
C VAL A 358 1.01 -1.50 -24.53
N ARG A 359 0.20 -0.42 -24.45
CA ARG A 359 -0.32 0.16 -23.23
C ARG A 359 -1.81 -0.17 -23.13
N SER A 360 -2.25 -0.72 -21.96
CA SER A 360 -3.66 -1.04 -21.74
C SER A 360 -4.25 -0.15 -20.63
N PHE A 361 -5.13 0.81 -21.04
CA PHE A 361 -5.81 1.71 -20.11
C PHE A 361 -7.26 1.32 -19.99
N TYR A 362 -7.82 1.41 -18.73
CA TYR A 362 -9.22 1.09 -18.39
C TYR A 362 -9.57 1.50 -16.96
N ASN A 363 -10.84 1.90 -16.74
CA ASN A 363 -11.35 2.27 -15.42
C ASN A 363 -12.06 1.02 -14.86
N ARG A 364 -11.51 0.44 -13.77
CA ARG A 364 -12.06 -0.79 -13.17
C ARG A 364 -12.93 -0.53 -11.94
N THR A 365 -14.12 -1.17 -11.93
CA THR A 365 -15.08 -1.13 -10.83
C THR A 365 -15.10 -2.55 -10.24
N ALA A 366 -14.47 -2.71 -9.03
CA ALA A 366 -14.36 -4.01 -8.35
C ALA A 366 -15.56 -4.28 -7.46
N PHE A 367 -16.09 -5.52 -7.51
CA PHE A 367 -17.24 -5.97 -6.72
C PHE A 367 -16.85 -7.25 -5.95
N GLN A 368 -16.71 -7.15 -4.59
CA GLN A 368 -16.35 -8.29 -3.72
C GLN A 368 -16.64 -8.04 -2.25
N LEU A 369 -17.01 -9.13 -1.51
CA LEU A 369 -17.26 -9.08 -0.07
C LEU A 369 -15.91 -9.29 0.68
N PRO A 370 -15.60 -8.49 1.79
CA PRO A 370 -14.31 -8.66 2.49
C PRO A 370 -14.16 -10.04 3.16
N GLY A 371 -13.03 -10.70 2.89
CA GLY A 371 -12.71 -12.04 3.43
C GLY A 371 -13.53 -13.15 2.80
N ASP A 372 -14.00 -12.92 1.52
CA ASP A 372 -14.79 -13.87 0.75
C ASP A 372 -14.27 -13.90 -0.69
N ALA A 373 -13.68 -15.06 -1.10
CA ALA A 373 -13.10 -15.24 -2.44
C ALA A 373 -14.01 -16.09 -3.37
N ARG A 374 -15.15 -16.69 -2.80
CA ARG A 374 -16.15 -17.54 -3.52
C ARG A 374 -16.54 -16.95 -4.89
N VAL A 375 -16.99 -15.64 -4.89
CA VAL A 375 -17.38 -14.90 -6.12
C VAL A 375 -16.71 -13.49 -6.10
N ARG A 376 -15.79 -13.22 -7.08
CA ARG A 376 -15.08 -11.93 -7.21
C ARG A 376 -15.20 -11.43 -8.66
N ILE A 377 -16.04 -10.37 -8.87
CA ILE A 377 -16.31 -9.78 -10.20
C ILE A 377 -15.75 -8.33 -10.34
N SER A 378 -15.22 -7.98 -11.56
CA SER A 378 -14.68 -6.64 -11.87
C SER A 378 -15.08 -6.23 -13.31
N LEU A 379 -15.51 -4.95 -13.48
CA LEU A 379 -15.92 -4.41 -14.79
C LEU A 379 -14.91 -3.36 -15.29
N ASP A 380 -14.29 -3.65 -16.47
CA ASP A 380 -13.30 -2.78 -17.11
C ASP A 380 -13.96 -1.90 -18.18
N THR A 381 -14.15 -0.61 -17.86
CA THR A 381 -14.78 0.37 -18.77
C THR A 381 -13.73 1.30 -19.38
N GLU A 382 -14.09 2.01 -20.53
CA GLU A 382 -13.19 2.96 -21.27
C GLU A 382 -11.84 2.26 -21.67
N LEU A 383 -11.93 0.94 -22.08
CA LEU A 383 -10.78 0.13 -22.47
C LEU A 383 -10.13 0.63 -23.75
N THR A 384 -8.80 0.93 -23.68
CA THR A 384 -8.01 1.45 -24.82
C THR A 384 -6.65 0.77 -24.94
N MET A 385 -6.19 0.59 -26.21
CA MET A 385 -4.89 -0.02 -26.54
C MET A 385 -4.04 1.08 -27.19
N VAL A 386 -2.88 1.43 -26.57
CA VAL A 386 -1.98 2.50 -27.06
C VAL A 386 -0.61 1.93 -27.48
N ARG A 387 -0.08 2.36 -28.68
CA ARG A 387 1.24 1.93 -29.20
C ARG A 387 2.35 2.53 -28.33
N GLU A 388 3.31 1.69 -27.92
CA GLU A 388 4.48 2.09 -27.09
C GLU A 388 5.82 1.75 -27.82
N ASP A 389 5.73 0.97 -28.93
CA ASP A 389 6.87 0.50 -29.73
C ASP A 389 7.54 1.61 -30.61
N ASN A 390 8.65 1.22 -31.33
CA ASN A 390 9.44 2.09 -32.25
C ASN A 390 9.70 1.33 -33.61
N PHE A 391 8.94 0.20 -33.85
CA PHE A 391 9.07 -0.67 -35.05
C PHE A 391 8.79 0.05 -36.38
N ASP A 392 7.87 1.07 -36.38
CA ASP A 392 7.51 1.85 -37.58
C ASP A 392 8.52 3.04 -37.83
N GLY A 393 9.54 3.16 -36.95
CA GLY A 393 10.56 4.21 -37.02
C GLY A 393 10.16 5.48 -36.30
N VAL A 394 9.19 5.38 -35.33
CA VAL A 394 8.67 6.52 -34.54
C VAL A 394 8.96 6.28 -33.04
N ASP A 395 9.84 7.14 -32.44
CA ASP A 395 10.22 7.05 -31.02
C ASP A 395 9.12 7.71 -30.15
N ARG A 396 8.16 6.86 -29.65
CA ARG A 396 7.01 7.29 -28.81
C ARG A 396 7.43 7.48 -27.35
N THR A 397 8.14 6.47 -26.77
CA THR A 397 8.62 6.49 -25.36
C THR A 397 9.72 7.53 -25.12
N HIS A 398 10.56 7.82 -26.21
CA HIS A 398 11.74 8.76 -26.17
C HIS A 398 12.80 8.23 -25.15
N LYS A 399 12.95 6.87 -25.15
CA LYS A 399 13.81 6.04 -24.32
C LYS A 399 13.53 6.24 -22.79
N ASN A 400 12.31 5.82 -22.44
CA ASN A 400 11.69 5.80 -21.13
C ASN A 400 10.78 4.51 -21.09
N TRP A 401 10.36 4.05 -19.90
CA TRP A 401 9.53 2.83 -19.78
C TRP A 401 8.03 3.04 -20.23
N ARG A 402 7.60 4.33 -20.44
CA ARG A 402 6.21 4.68 -20.85
C ARG A 402 6.14 6.01 -21.66
N ARG A 403 4.98 6.23 -22.38
CA ARG A 403 4.73 7.47 -23.14
C ARG A 403 4.40 8.61 -22.18
N THR A 404 5.03 9.79 -22.39
CA THR A 404 4.83 10.99 -21.54
C THR A 404 3.75 11.96 -22.13
N ASP A 405 3.42 11.81 -23.47
CA ASP A 405 2.40 12.64 -24.17
C ASP A 405 0.96 12.29 -23.74
N ILE A 406 0.77 11.07 -23.18
CA ILE A 406 -0.52 10.57 -22.70
C ILE A 406 -0.38 10.05 -21.26
N GLY A 407 -1.42 10.28 -20.45
CA GLY A 407 -1.46 9.86 -19.06
C GLY A 407 -2.68 9.02 -18.76
N VAL A 408 -3.67 9.63 -18.06
CA VAL A 408 -4.96 9.02 -17.66
C VAL A 408 -6.16 9.80 -18.40
N ASP A 409 -5.80 10.93 -19.11
CA ASP A 409 -6.70 11.82 -19.87
C ASP A 409 -7.42 11.12 -21.12
N TRP A 410 -8.35 10.15 -20.81
CA TRP A 410 -9.15 9.39 -21.81
C TRP A 410 -10.19 10.37 -22.52
N PRO A 411 -10.54 10.20 -23.87
CA PRO A 411 -10.13 9.14 -24.82
C PRO A 411 -8.77 9.37 -25.51
N PHE A 412 -7.90 10.30 -24.95
CA PHE A 412 -6.55 10.67 -25.51
C PHE A 412 -6.68 11.06 -27.03
N LYS A 413 -7.47 12.15 -27.32
CA LYS A 413 -7.74 12.65 -28.70
C LYS A 413 -6.47 13.20 -29.44
N GLN A 414 -5.39 13.53 -28.67
CA GLN A 414 -4.11 14.04 -29.22
C GLN A 414 -3.34 12.95 -30.04
N LEU A 415 -3.54 11.64 -29.66
CA LEU A 415 -2.89 10.48 -30.32
C LEU A 415 -3.46 10.23 -31.72
N ASP A 416 -2.60 9.72 -32.65
CA ASP A 416 -3.00 9.40 -34.02
C ASP A 416 -3.86 8.11 -34.05
N ASP A 417 -4.79 8.00 -35.06
CA ASP A 417 -5.72 6.85 -35.24
C ASP A 417 -5.02 5.46 -35.31
N LYS A 418 -3.78 5.40 -35.90
CA LYS A 418 -3.00 4.14 -36.02
C LYS A 418 -2.36 3.71 -34.66
N ASP A 419 -2.11 4.70 -33.74
CA ASP A 419 -1.49 4.48 -32.42
C ASP A 419 -2.49 4.07 -31.31
N ILE A 420 -3.79 4.51 -31.44
CA ILE A 420 -4.83 4.22 -30.44
C ILE A 420 -5.94 3.25 -30.98
N CYS A 421 -6.40 2.32 -30.10
CA CYS A 421 -7.46 1.36 -30.39
C CYS A 421 -8.51 1.47 -29.26
N ARG A 422 -9.62 2.19 -29.53
CA ARG A 422 -10.71 2.39 -28.56
C ARG A 422 -11.66 1.19 -28.66
N PHE A 423 -11.56 0.23 -27.67
CA PHE A 423 -12.37 -1.00 -27.62
C PHE A 423 -13.90 -0.68 -27.53
N PRO A 424 -14.76 -1.25 -28.47
CA PRO A 424 -16.21 -0.91 -28.45
C PRO A 424 -17.03 -1.53 -27.29
N TYR A 425 -16.41 -2.48 -26.51
CA TYR A 425 -17.10 -3.16 -25.38
C TYR A 425 -16.39 -2.96 -24.01
N ALA A 426 -17.03 -3.47 -22.92
CA ALA A 426 -16.52 -3.44 -21.55
C ALA A 426 -16.17 -4.88 -21.15
N VAL A 427 -14.99 -5.09 -20.52
CA VAL A 427 -14.57 -6.45 -20.13
C VAL A 427 -14.96 -6.78 -18.69
N LEU A 428 -15.82 -7.82 -18.52
CA LEU A 428 -16.27 -8.29 -17.20
C LEU A 428 -15.47 -9.54 -16.84
N ASN A 429 -14.68 -9.44 -15.74
CA ASN A 429 -13.85 -10.55 -15.24
C ASN A 429 -14.52 -11.20 -14.02
N VAL A 430 -15.11 -12.42 -14.22
CA VAL A 430 -15.80 -13.19 -13.16
C VAL A 430 -14.87 -14.32 -12.67
N LYS A 431 -14.37 -14.19 -11.40
CA LYS A 431 -13.45 -15.17 -10.77
C LYS A 431 -14.20 -15.98 -9.70
N LEU A 432 -14.43 -17.29 -9.97
CA LEU A 432 -15.13 -18.20 -9.05
C LEU A 432 -14.14 -19.07 -8.27
N GLN A 433 -14.44 -19.32 -6.98
CA GLN A 433 -13.63 -20.15 -6.08
C GLN A 433 -14.58 -20.98 -5.17
N THR A 434 -15.41 -21.86 -5.83
CA THR A 434 -16.41 -22.72 -5.17
C THR A 434 -15.77 -24.01 -4.59
N GLN A 435 -16.21 -24.42 -3.36
CA GLN A 435 -15.73 -25.62 -2.65
C GLN A 435 -16.14 -26.91 -3.42
N LEU A 436 -15.32 -28.01 -3.28
CA LEU A 436 -15.57 -29.32 -3.94
C LEU A 436 -16.89 -29.93 -3.47
N GLY A 437 -17.77 -30.27 -4.44
CA GLY A 437 -19.10 -30.84 -4.17
C GLY A 437 -20.10 -29.78 -3.74
N GLN A 438 -20.06 -28.57 -4.39
CA GLN A 438 -20.94 -27.42 -4.10
C GLN A 438 -21.19 -26.58 -5.40
N GLU A 439 -22.40 -25.96 -5.49
CA GLU A 439 -22.82 -25.12 -6.62
C GLU A 439 -22.72 -23.58 -6.21
N PRO A 440 -22.18 -22.65 -7.14
CA PRO A 440 -22.09 -21.22 -6.79
C PRO A 440 -23.50 -20.54 -6.67
N PRO A 441 -23.64 -19.28 -6.04
CA PRO A 441 -24.99 -18.65 -5.94
C PRO A 441 -25.77 -18.54 -7.27
N GLU A 442 -27.13 -18.67 -7.19
CA GLU A 442 -28.05 -18.64 -8.35
C GLU A 442 -27.98 -17.32 -9.18
N TRP A 443 -27.68 -16.13 -8.50
CA TRP A 443 -27.60 -14.81 -9.20
C TRP A 443 -26.43 -14.73 -10.22
N VAL A 444 -25.20 -15.26 -9.84
CA VAL A 444 -24.01 -15.25 -10.73
C VAL A 444 -24.18 -16.30 -11.88
N ARG A 445 -24.84 -17.47 -11.55
CA ARG A 445 -25.15 -18.56 -12.50
C ARG A 445 -26.11 -18.03 -13.62
N GLU A 446 -27.11 -17.16 -13.21
CA GLU A 446 -28.10 -16.54 -14.10
C GLU A 446 -27.44 -15.40 -14.92
N LEU A 447 -26.50 -14.61 -14.27
CA LEU A 447 -25.80 -13.47 -14.90
C LEU A 447 -24.83 -13.89 -16.02
N VAL A 448 -24.01 -14.98 -15.79
CA VAL A 448 -23.01 -15.47 -16.79
C VAL A 448 -23.69 -16.02 -18.11
N GLY A 449 -24.94 -16.52 -17.99
CA GLY A 449 -25.72 -17.04 -19.12
C GLY A 449 -26.81 -16.12 -19.63
N SER A 450 -26.77 -14.79 -19.22
CA SER A 450 -27.76 -13.78 -19.62
C SER A 450 -27.34 -13.00 -20.91
N HIS A 451 -28.33 -12.29 -21.54
CA HIS A 451 -28.17 -11.46 -22.77
C HIS A 451 -27.16 -10.30 -22.59
N LEU A 452 -27.03 -9.78 -21.33
CA LEU A 452 -26.13 -8.65 -20.96
C LEU A 452 -24.66 -8.90 -21.26
N VAL A 453 -24.20 -10.19 -21.11
CA VAL A 453 -22.79 -10.57 -21.34
C VAL A 453 -22.61 -11.52 -22.55
N GLU A 454 -21.44 -11.40 -23.25
CA GLU A 454 -21.05 -12.23 -24.39
C GLU A 454 -19.75 -13.00 -23.98
N PRO A 455 -19.84 -14.37 -23.67
CA PRO A 455 -18.63 -15.12 -23.24
C PRO A 455 -17.53 -15.24 -24.29
N VAL A 456 -16.33 -14.69 -23.97
CA VAL A 456 -15.15 -14.73 -24.83
C VAL A 456 -14.03 -15.55 -24.09
N PRO A 457 -13.85 -16.90 -24.44
CA PRO A 457 -12.84 -17.72 -23.73
C PRO A 457 -11.39 -17.28 -23.93
N LYS A 458 -10.65 -17.15 -22.78
CA LYS A 458 -9.22 -16.78 -22.69
C LYS A 458 -8.88 -15.43 -23.46
N PHE A 459 -9.75 -14.38 -23.28
CA PHE A 459 -9.53 -13.04 -23.88
C PHE A 459 -8.33 -12.37 -23.19
N SER A 460 -7.54 -11.59 -23.95
CA SER A 460 -6.37 -10.89 -23.43
C SER A 460 -6.28 -9.49 -24.01
N LYS A 461 -6.07 -8.48 -23.10
CA LYS A 461 -5.92 -7.05 -23.47
C LYS A 461 -4.60 -6.86 -24.24
N PHE A 462 -3.52 -7.64 -23.84
CA PHE A 462 -2.19 -7.64 -24.45
C PHE A 462 -2.24 -8.21 -25.86
N ILE A 463 -2.83 -9.45 -26.01
CA ILE A 463 -2.96 -10.16 -27.31
C ILE A 463 -3.82 -9.32 -28.31
N HIS A 464 -4.98 -8.71 -27.82
CA HIS A 464 -5.86 -7.87 -28.66
C HIS A 464 -5.12 -6.61 -29.18
N GLY A 465 -4.39 -5.91 -28.28
CA GLY A 465 -3.64 -4.69 -28.59
C GLY A 465 -2.56 -4.88 -29.64
N VAL A 466 -1.68 -5.93 -29.44
CA VAL A 466 -0.57 -6.27 -30.37
C VAL A 466 -1.13 -6.67 -31.79
N ALA A 467 -2.15 -7.56 -31.82
CA ALA A 467 -2.76 -8.06 -33.07
C ALA A 467 -3.59 -6.98 -33.85
N THR A 468 -4.06 -5.89 -33.16
CA THR A 468 -4.84 -4.81 -33.83
C THR A 468 -3.90 -3.67 -34.29
N LEU A 469 -3.08 -3.11 -33.35
CA LEU A 469 -2.15 -1.99 -33.61
C LEU A 469 -0.95 -2.39 -34.50
N LEU A 470 -0.43 -3.65 -34.33
CA LEU A 470 0.73 -4.17 -35.11
C LEU A 470 0.31 -5.41 -35.99
N ASN A 471 -0.88 -5.29 -36.69
CA ASN A 471 -1.44 -6.33 -37.58
C ASN A 471 -0.50 -6.68 -38.77
N ASP A 472 0.28 -5.66 -39.26
CA ASP A 472 1.25 -5.81 -40.37
C ASP A 472 2.45 -6.69 -39.96
N LYS A 473 2.92 -6.56 -38.67
CA LYS A 473 4.07 -7.31 -38.13
C LYS A 473 3.71 -8.74 -37.64
N VAL A 474 2.39 -9.00 -37.31
CA VAL A 474 1.94 -10.33 -36.82
C VAL A 474 1.32 -11.19 -37.97
N ASP A 475 1.64 -12.52 -37.98
CA ASP A 475 1.13 -13.50 -38.97
C ASP A 475 -0.03 -14.33 -38.41
N SER A 476 0.02 -14.65 -37.06
CA SER A 476 -1.01 -15.42 -36.35
C SER A 476 -1.82 -14.46 -35.44
N ILE A 477 -3.18 -14.50 -35.59
CA ILE A 477 -4.13 -13.64 -34.81
C ILE A 477 -5.21 -14.47 -34.02
N PRO A 478 -5.78 -13.95 -32.85
CA PRO A 478 -6.81 -14.72 -32.10
C PRO A 478 -8.15 -14.82 -32.85
N PHE A 479 -9.03 -15.75 -32.36
CA PHE A 479 -10.37 -16.03 -32.94
C PHE A 479 -11.36 -14.82 -32.86
N TRP A 480 -11.20 -13.94 -31.81
CA TRP A 480 -12.11 -12.80 -31.58
C TRP A 480 -11.90 -11.58 -32.58
N LEU A 481 -10.85 -11.62 -33.45
CA LEU A 481 -10.60 -10.54 -34.44
C LEU A 481 -11.22 -10.84 -35.84
N PRO A 482 -11.95 -9.84 -36.50
CA PRO A 482 -12.20 -8.44 -36.07
C PRO A 482 -13.40 -8.31 -35.13
#